data_4EPH
#
_entry.id   4EPH
#
_cell.length_a   67.640
_cell.length_b   67.640
_cell.length_c   309.370
_cell.angle_alpha   90.00
_cell.angle_beta   90.00
_cell.angle_gamma   90.00
#
_symmetry.space_group_name_H-M   'P 43 21 2'
#
loop_
_entity.id
_entity.type
_entity.pdbx_description
1 polymer 'Carnitine O-palmitoyltransferase 2, mitochondrial'
2 non-polymer '2-chloro-4-[({1-[(5-chloro-2-methoxyphenyl)sulfonyl]-4-methyl-2,3-dihydro-1H-indol-6-yl}carbonyl)amino]benzoic acid'
3 non-polymer 'octyl beta-D-glucopyranoside'
4 water water
#
_entity_poly.entity_id   1
_entity_poly.type   'polypeptide(L)'
_entity_poly.pdbx_seq_one_letter_code
;MGSSHHHHHHSSGLVPRGSHMAVSGPDDYLQHSIVPTMHYQDSLPRLPIPKLEDTMKRYLNAQKPLLDDSQFRRTEALCK
NFETGVGKELHAHLLAQDKQNKHTSYISGPWFDMYLTARDSIVLNFNPFMAFNPDPKSEYNDQLTRATNLTVSAVRFLKT
LQAGLLEPEVFHLNPSKSDTDAFKRLIRFVPPSLSWYGAYLVNAYPLDMSQYFRLFNSTRIPRPNRDELFTDTKARHLLV
LRKGHFYVFDVLDQDGNIVNPLEIQAHLKYILSDSSPVPEFPVAYLTSENRDVWAELRQKLIFDGNEETLKKVDSAVFCL
CLDDFPMKDLIHLSHTMLHGDGTNRWFDKSFNLIVAEDGTAAVHFEHSWGDGVAVLRFFNEVFRDSTQTPAITPQSQPAA
TNSSASVETLSFNLSGALKAGITAAKEKFDTTVKTLSIDSIQFQRGGKEFLKKKQLSPDAVAQLAFQMAFLRQYGQTVAT
YESCSTAAFKHGRTETIRPASIFTKRCSEAFVRDPSKHSVGELQHMMAECSKYHGQLTKEAAMGQGFDRHLYALRYLATA
RGLNLPELYLDPAYQQMNHNILSTSTLNSPAVSLGGFAPVVPDGFGIAYAVHDDWIGCNVSSYSGRNAREFLHCVQKCLE
DIFDALEGKAIKT
;
_entity_poly.pdbx_strand_id   A
#
# COMPACT_ATOMS: atom_id res chain seq x y z
N ASP A 27 -22.96 -21.33 -4.30
CA ASP A 27 -21.55 -21.86 -4.42
C ASP A 27 -20.60 -21.03 -3.55
N ASP A 28 -19.33 -21.38 -3.54
CA ASP A 28 -18.31 -20.67 -2.72
C ASP A 28 -17.66 -19.49 -3.48
N TYR A 29 -18.33 -19.02 -4.54
CA TYR A 29 -17.78 -17.97 -5.40
C TYR A 29 -18.48 -16.62 -5.24
N LEU A 30 -17.68 -15.59 -5.01
CA LEU A 30 -18.19 -14.25 -4.86
C LEU A 30 -18.35 -13.54 -6.19
N GLN A 31 -18.08 -14.25 -7.28
CA GLN A 31 -18.11 -13.66 -8.65
C GLN A 31 -18.02 -14.74 -9.73
N HIS A 32 -18.61 -14.46 -10.89
CA HIS A 32 -18.75 -15.50 -11.93
C HIS A 32 -18.41 -14.98 -13.32
N SER A 33 -17.16 -14.61 -13.50
CA SER A 33 -16.71 -13.98 -14.74
C SER A 33 -16.69 -14.99 -15.90
N ILE A 34 -17.36 -14.64 -17.00
CA ILE A 34 -17.28 -15.47 -18.21
C ILE A 34 -15.90 -15.35 -18.89
N VAL A 35 -15.23 -14.23 -18.63
CA VAL A 35 -13.85 -14.02 -19.06
C VAL A 35 -12.94 -14.56 -17.95
N PRO A 36 -12.00 -15.47 -18.31
CA PRO A 36 -11.06 -15.96 -17.29
C PRO A 36 -10.26 -14.85 -16.60
N THR A 37 -10.13 -14.94 -15.27
CA THR A 37 -9.37 -13.92 -14.53
C THR A 37 -8.11 -13.45 -15.28
N MET A 38 -7.32 -14.40 -15.80
CA MET A 38 -5.98 -14.14 -16.31
C MET A 38 -5.94 -13.90 -17.84
N HIS A 39 -7.12 -13.74 -18.43
CA HIS A 39 -7.28 -13.62 -19.90
C HIS A 39 -6.36 -12.63 -20.64
N TYR A 40 -5.97 -11.55 -19.98
CA TYR A 40 -5.13 -10.51 -20.57
C TYR A 40 -3.65 -10.56 -20.31
N GLN A 41 -3.21 -11.40 -19.36
CA GLN A 41 -1.82 -11.33 -18.83
C GLN A 41 -0.70 -11.56 -19.83
N ASP A 42 -0.97 -12.44 -20.81
CA ASP A 42 -0.01 -12.76 -21.86
C ASP A 42 0.19 -11.64 -22.87
N SER A 43 -0.79 -10.78 -23.00
CA SER A 43 -0.71 -9.76 -24.03
C SER A 43 -0.54 -8.32 -23.45
N LEU A 44 -0.37 -8.23 -22.12
CA LEU A 44 -0.13 -6.94 -21.48
C LEU A 44 1.09 -6.29 -22.11
N PRO A 45 1.05 -4.97 -22.36
CA PRO A 45 2.21 -4.30 -22.95
C PRO A 45 3.39 -4.27 -22.00
N ARG A 46 4.59 -4.41 -22.52
CA ARG A 46 5.79 -4.36 -21.69
C ARG A 46 5.94 -2.95 -21.15
N LEU A 47 6.44 -2.85 -19.94
CA LEU A 47 6.67 -1.57 -19.30
C LEU A 47 7.81 -0.82 -19.99
N PRO A 48 7.50 0.40 -20.48
CA PRO A 48 8.46 1.21 -21.27
C PRO A 48 9.69 1.76 -20.52
N ILE A 49 10.86 1.70 -21.15
CA ILE A 49 12.02 2.40 -20.64
C ILE A 49 12.08 3.78 -21.32
N PRO A 50 12.11 4.87 -20.53
CA PRO A 50 12.16 6.15 -21.19
C PRO A 50 13.49 6.40 -21.89
N LYS A 51 13.48 7.34 -22.83
CA LYS A 51 14.73 7.90 -23.36
C LYS A 51 15.52 8.50 -22.18
N LEU A 52 16.82 8.24 -22.11
CA LEU A 52 17.65 8.81 -21.04
C LEU A 52 17.59 10.34 -21.01
N GLU A 53 17.44 10.95 -22.18
CA GLU A 53 17.41 12.41 -22.24
C GLU A 53 16.19 12.94 -21.49
N ASP A 54 15.06 12.22 -21.60
CA ASP A 54 13.77 12.60 -20.95
C ASP A 54 13.77 12.36 -19.44
N THR A 55 14.38 11.27 -19.00
CA THR A 55 14.62 11.01 -17.58
C THR A 55 15.44 12.13 -16.96
N MET A 56 16.54 12.49 -17.61
CA MET A 56 17.41 13.58 -17.10
C MET A 56 16.69 14.92 -16.97
N LYS A 57 16.00 15.34 -18.04
CA LYS A 57 15.17 16.55 -17.99
C LYS A 57 14.12 16.53 -16.88
N ARG A 58 13.44 15.41 -16.74
CA ARG A 58 12.38 15.26 -15.72
C ARG A 58 12.95 15.28 -14.32
N TYR A 59 14.11 14.65 -14.15
CA TYR A 59 14.83 14.70 -12.89
C TYR A 59 15.17 16.16 -12.52
N LEU A 60 15.72 16.90 -13.48
CA LEU A 60 16.09 18.31 -13.24
C LEU A 60 14.86 19.19 -13.02
N ASN A 61 13.77 18.95 -13.77
CA ASN A 61 12.50 19.64 -13.54
C ASN A 61 12.03 19.50 -12.09
N ALA A 62 12.05 18.28 -11.53
CA ALA A 62 11.68 18.01 -10.12
C ALA A 62 12.68 18.60 -9.11
N GLN A 63 13.91 18.85 -9.57
CA GLN A 63 14.93 19.49 -8.74
C GLN A 63 14.75 20.99 -8.64
N LYS A 64 14.19 21.62 -9.69
CA LYS A 64 14.10 23.09 -9.77
C LYS A 64 13.52 23.72 -8.52
N PRO A 65 12.35 23.22 -8.04
CA PRO A 65 11.79 23.77 -6.79
C PRO A 65 12.59 23.47 -5.50
N LEU A 66 13.54 22.56 -5.55
CA LEU A 66 14.23 22.09 -4.33
C LEU A 66 15.61 22.67 -4.07
N LEU A 67 16.25 23.20 -5.12
CA LEU A 67 17.67 23.54 -5.04
C LEU A 67 17.96 25.03 -5.20
N ASP A 68 18.92 25.52 -4.40
CA ASP A 68 19.51 26.87 -4.64
C ASP A 68 20.29 26.81 -5.95
N ASP A 69 20.60 27.98 -6.52
CA ASP A 69 21.06 28.07 -7.91
C ASP A 69 22.38 27.33 -8.16
N SER A 70 23.26 27.33 -7.16
CA SER A 70 24.57 26.67 -7.34
C SER A 70 24.50 25.17 -7.11
N GLN A 71 23.61 24.75 -6.20
CA GLN A 71 23.27 23.32 -6.08
C GLN A 71 22.72 22.80 -7.41
N PHE A 72 21.79 23.54 -8.01
CA PHE A 72 21.23 23.17 -9.31
C PHE A 72 22.28 23.04 -10.41
N ARG A 73 23.18 24.02 -10.55
CA ARG A 73 24.19 23.93 -11.60
C ARG A 73 25.18 22.78 -11.36
N ARG A 74 25.49 22.50 -10.10
CA ARG A 74 26.24 21.30 -9.71
C ARG A 74 25.50 20.03 -10.19
N THR A 75 24.22 19.90 -9.83
CA THR A 75 23.40 18.78 -10.32
C THR A 75 23.24 18.72 -11.86
N GLU A 76 22.88 19.84 -12.49
CA GLU A 76 22.84 19.90 -13.96
C GLU A 76 24.13 19.39 -14.62
N ALA A 77 25.30 19.73 -14.05
CA ALA A 77 26.59 19.26 -14.60
C ALA A 77 26.83 17.76 -14.40
N LEU A 78 26.54 17.24 -13.22
CA LEU A 78 26.56 15.77 -13.01
C LEU A 78 25.61 15.03 -13.97
N CYS A 79 24.43 15.59 -14.17
CA CYS A 79 23.45 15.08 -15.14
C CYS A 79 23.99 14.96 -16.57
N LYS A 80 24.68 16.00 -17.04
CA LYS A 80 25.30 16.01 -18.37
C LYS A 80 26.42 14.97 -18.46
N ASN A 81 27.28 14.91 -17.43
CA ASN A 81 28.31 13.88 -17.33
C ASN A 81 27.72 12.46 -17.37
N PHE A 82 26.66 12.26 -16.60
CA PHE A 82 25.92 10.97 -16.58
C PHE A 82 25.34 10.59 -17.93
N GLU A 83 24.54 11.49 -18.50
CA GLU A 83 23.86 11.33 -19.82
C GLU A 83 24.83 11.03 -20.99
N THR A 84 26.03 11.59 -20.94
CA THR A 84 27.00 11.43 -22.03
C THR A 84 27.94 10.25 -21.78
N GLY A 85 27.90 9.68 -20.58
CA GLY A 85 28.95 8.78 -20.13
C GLY A 85 28.46 7.49 -19.51
N VAL A 86 28.70 7.32 -18.21
CA VAL A 86 28.37 6.05 -17.54
C VAL A 86 26.87 5.74 -17.61
N GLY A 87 26.03 6.78 -17.46
CA GLY A 87 24.58 6.66 -17.60
C GLY A 87 24.09 6.23 -18.97
N LYS A 88 24.65 6.81 -20.04
CA LYS A 88 24.49 6.34 -21.43
C LYS A 88 24.78 4.85 -21.62
N GLU A 89 25.85 4.39 -20.97
CA GLU A 89 26.25 2.99 -21.01
C GLU A 89 25.39 2.05 -20.17
N LEU A 90 25.03 2.49 -18.96
CA LEU A 90 24.06 1.76 -18.14
C LEU A 90 22.74 1.64 -18.91
N HIS A 91 22.28 2.73 -19.51
CA HIS A 91 21.02 2.74 -20.26
C HIS A 91 21.02 1.72 -21.44
N ALA A 92 22.07 1.75 -22.25
CA ALA A 92 22.32 0.74 -23.28
C ALA A 92 22.17 -0.74 -22.82
N HIS A 93 22.71 -1.08 -21.65
CA HIS A 93 22.62 -2.43 -21.07
C HIS A 93 21.25 -2.77 -20.51
N LEU A 94 20.62 -1.80 -19.85
CA LEU A 94 19.25 -1.90 -19.36
C LEU A 94 18.25 -2.24 -20.48
N LEU A 95 18.37 -1.51 -21.60
CA LEU A 95 17.60 -1.80 -22.82
C LEU A 95 17.85 -3.18 -23.38
N ALA A 96 19.12 -3.55 -23.53
CA ALA A 96 19.49 -4.88 -24.04
C ALA A 96 19.04 -5.98 -23.09
N GLN A 97 19.17 -5.72 -21.78
CA GLN A 97 18.67 -6.65 -20.77
C GLN A 97 17.16 -6.80 -20.86
N ASP A 98 16.43 -5.68 -20.95
CA ASP A 98 14.98 -5.73 -21.13
C ASP A 98 14.54 -6.56 -22.35
N LYS A 99 15.19 -6.33 -23.50
CA LYS A 99 14.94 -7.08 -24.74
C LYS A 99 15.20 -8.59 -24.62
N GLN A 100 16.05 -8.98 -23.69
CA GLN A 100 16.26 -10.40 -23.42
C GLN A 100 15.14 -10.96 -22.53
N ASN A 101 14.45 -10.08 -21.80
CA ASN A 101 13.52 -10.49 -20.75
C ASN A 101 12.11 -9.94 -20.96
N LYS A 102 11.59 -10.11 -22.17
CA LYS A 102 10.34 -9.50 -22.56
C LYS A 102 9.11 -10.14 -21.86
N HIS A 103 9.36 -11.18 -21.09
CA HIS A 103 8.35 -11.84 -20.25
C HIS A 103 8.06 -11.10 -18.94
N THR A 104 8.86 -10.07 -18.66
CA THR A 104 8.78 -9.38 -17.37
C THR A 104 8.94 -7.89 -17.60
N SER A 105 9.23 -7.14 -16.53
CA SER A 105 9.46 -5.71 -16.62
C SER A 105 10.86 -5.36 -16.11
N TYR A 106 11.43 -4.29 -16.65
CA TYR A 106 12.81 -3.95 -16.25
C TYR A 106 12.93 -3.64 -14.75
N ILE A 107 11.84 -3.18 -14.14
CA ILE A 107 11.90 -2.74 -12.73
C ILE A 107 11.53 -3.83 -11.72
N SER A 108 11.07 -4.98 -12.18
CA SER A 108 10.47 -5.98 -11.32
C SER A 108 11.49 -6.57 -10.31
N GLY A 109 12.60 -7.06 -10.82
CA GLY A 109 13.67 -7.56 -9.96
C GLY A 109 14.23 -6.47 -9.05
N PRO A 110 14.75 -5.39 -9.64
CA PRO A 110 15.24 -4.28 -8.79
C PRO A 110 14.28 -3.87 -7.66
N TRP A 111 12.99 -3.73 -7.97
CA TRP A 111 11.99 -3.28 -6.99
C TRP A 111 11.73 -4.25 -5.83
N PHE A 112 11.50 -5.53 -6.15
CA PHE A 112 11.50 -6.60 -5.16
C PHE A 112 12.76 -6.57 -4.29
N ASP A 113 13.91 -6.42 -4.93
CA ASP A 113 15.16 -6.36 -4.19
C ASP A 113 15.27 -5.13 -3.30
N MET A 114 14.72 -4.03 -3.74
CA MET A 114 14.58 -2.85 -2.90
C MET A 114 13.90 -3.13 -1.55
N TYR A 115 12.74 -3.77 -1.59
CA TYR A 115 12.05 -4.16 -0.39
C TYR A 115 12.84 -5.15 0.42
N LEU A 116 13.23 -6.25 -0.23
CA LEU A 116 13.70 -7.44 0.47
C LEU A 116 15.11 -7.34 1.00
N THR A 117 15.95 -6.53 0.38
CA THR A 117 17.31 -6.30 0.93
C THR A 117 17.27 -5.29 2.08
N ALA A 118 16.23 -4.47 2.14
CA ALA A 118 16.11 -3.49 3.20
C ALA A 118 16.12 -4.23 4.53
N ARG A 119 16.97 -3.76 5.47
CA ARG A 119 17.16 -4.39 6.82
C ARG A 119 16.36 -3.79 7.99
N ASP A 120 15.79 -2.61 7.78
CA ASP A 120 14.91 -1.93 8.72
C ASP A 120 13.64 -2.75 9.01
N SER A 121 13.03 -2.48 10.17
CA SER A 121 11.77 -3.09 10.54
C SER A 121 10.75 -2.79 9.42
N ILE A 122 9.93 -3.78 9.07
CA ILE A 122 8.88 -3.52 8.08
C ILE A 122 7.75 -2.68 8.74
N VAL A 123 7.65 -2.80 10.08
CA VAL A 123 6.66 -2.06 10.84
C VAL A 123 6.97 -0.58 10.68
N LEU A 124 5.99 0.19 10.19
CA LEU A 124 6.13 1.66 10.15
C LEU A 124 6.96 2.11 8.94
N ASN A 125 8.11 1.51 8.71
CA ASN A 125 8.90 1.84 7.54
C ASN A 125 8.19 1.45 6.23
N PHE A 126 7.45 0.32 6.24
CA PHE A 126 6.89 -0.26 5.00
C PHE A 126 5.42 -0.67 5.02
N ASN A 127 4.98 -1.33 6.10
CA ASN A 127 3.61 -1.85 6.17
C ASN A 127 2.55 -0.77 6.42
N PRO A 128 1.61 -0.58 5.46
CA PRO A 128 0.49 0.32 5.68
C PRO A 128 -0.77 -0.43 6.11
N PHE A 129 -1.88 0.28 6.32
CA PHE A 129 -3.21 -0.36 6.46
C PHE A 129 -4.26 0.38 5.66
N MET A 130 -5.36 -0.30 5.38
CA MET A 130 -6.61 0.30 4.90
C MET A 130 -7.74 -0.26 5.76
N ALA A 131 -8.60 0.61 6.30
CA ALA A 131 -9.65 0.21 7.21
C ALA A 131 -11.00 0.17 6.51
N PHE A 132 -11.83 -0.85 6.82
CA PHE A 132 -13.14 -1.00 6.22
C PHE A 132 -14.08 -0.01 6.88
N ASN A 133 -15.04 0.48 6.09
CA ASN A 133 -16.25 1.08 6.64
C ASN A 133 -17.00 -0.04 7.41
N PRO A 134 -17.88 0.31 8.36
CA PRO A 134 -18.62 -0.75 9.04
C PRO A 134 -19.59 -1.43 8.11
N ASP A 135 -20.10 -2.59 8.53
CA ASP A 135 -21.25 -3.13 7.85
C ASP A 135 -22.36 -2.09 8.11
N PRO A 136 -23.09 -1.64 7.06
CA PRO A 136 -24.12 -0.61 7.27
C PRO A 136 -25.30 -1.13 8.11
N LYS A 137 -25.40 -2.46 8.25
CA LYS A 137 -26.30 -3.10 9.22
C LYS A 137 -25.61 -3.19 10.60
N SER A 138 -26.14 -2.46 11.57
CA SER A 138 -25.49 -2.29 12.86
C SER A 138 -25.05 -3.57 13.55
N GLU A 139 -25.94 -4.56 13.60
CA GLU A 139 -25.66 -5.75 14.44
C GLU A 139 -24.63 -6.69 13.81
N TYR A 140 -24.46 -6.55 12.49
CA TYR A 140 -23.48 -7.30 11.72
C TYR A 140 -22.03 -6.92 12.09
N ASN A 141 -21.89 -5.87 12.91
CA ASN A 141 -20.59 -5.38 13.44
C ASN A 141 -20.17 -5.96 14.79
N ASP A 142 -21.00 -6.88 15.29
CA ASP A 142 -20.62 -7.78 16.36
C ASP A 142 -19.32 -8.45 15.91
N GLN A 143 -18.37 -8.60 16.84
CA GLN A 143 -17.02 -9.11 16.51
C GLN A 143 -16.94 -10.53 15.97
N LEU A 144 -17.65 -11.46 16.57
CA LEU A 144 -17.73 -12.83 16.07
C LEU A 144 -18.44 -12.91 14.71
N THR A 145 -19.56 -12.23 14.59
CA THR A 145 -20.28 -12.16 13.31
C THR A 145 -19.42 -11.58 12.21
N ARG A 146 -18.86 -10.38 12.44
CA ARG A 146 -17.96 -9.77 11.46
C ARG A 146 -16.65 -10.48 11.17
N ALA A 147 -16.03 -11.14 12.16
CA ALA A 147 -14.82 -11.91 11.88
C ALA A 147 -15.10 -13.16 11.05
N THR A 148 -16.24 -13.82 11.32
CA THR A 148 -16.65 -14.98 10.50
C THR A 148 -17.02 -14.55 9.07
N ASN A 149 -17.76 -13.47 8.95
CA ASN A 149 -18.17 -12.97 7.64
C ASN A 149 -17.03 -12.46 6.73
N LEU A 150 -16.16 -11.62 7.28
CA LEU A 150 -14.94 -11.13 6.59
C LEU A 150 -13.97 -12.26 6.19
N THR A 151 -13.71 -13.18 7.11
CA THR A 151 -12.92 -14.40 6.87
C THR A 151 -13.48 -15.26 5.75
N VAL A 152 -14.77 -15.57 5.83
CA VAL A 152 -15.44 -16.36 4.80
C VAL A 152 -15.46 -15.67 3.42
N SER A 153 -15.58 -14.35 3.39
CA SER A 153 -15.56 -13.62 2.13
C SER A 153 -14.17 -13.60 1.56
N ALA A 154 -13.17 -13.70 2.45
CA ALA A 154 -11.79 -13.68 2.02
C ALA A 154 -11.39 -15.01 1.37
N VAL A 155 -11.83 -16.11 1.97
CA VAL A 155 -11.63 -17.43 1.38
C VAL A 155 -12.44 -17.58 0.08
N ARG A 156 -13.62 -16.96 0.02
CA ARG A 156 -14.44 -16.95 -1.21
C ARG A 156 -13.67 -16.21 -2.32
N PHE A 157 -13.03 -15.09 -1.97
CA PHE A 157 -12.10 -14.45 -2.90
C PHE A 157 -11.04 -15.42 -3.40
N LEU A 158 -10.47 -16.23 -2.49
CA LEU A 158 -9.37 -17.13 -2.84
C LEU A 158 -9.90 -18.15 -3.85
N LYS A 159 -11.07 -18.72 -3.54
CA LYS A 159 -11.74 -19.69 -4.38
C LYS A 159 -12.08 -19.14 -5.78
N THR A 160 -12.57 -17.91 -5.84
CA THR A 160 -12.97 -17.27 -7.10
C THR A 160 -11.76 -16.97 -8.02
N LEU A 161 -10.68 -16.45 -7.41
CA LEU A 161 -9.39 -16.29 -8.08
C LEU A 161 -8.80 -17.61 -8.60
N GLN A 162 -8.81 -18.66 -7.76
CA GLN A 162 -8.40 -20.04 -8.15
C GLN A 162 -9.20 -20.60 -9.33
N ALA A 163 -10.49 -20.32 -9.36
CA ALA A 163 -11.38 -20.82 -10.41
C ALA A 163 -11.33 -19.99 -11.69
N GLY A 164 -10.56 -18.91 -11.71
CA GLY A 164 -10.55 -17.99 -12.84
C GLY A 164 -11.88 -17.31 -13.10
N LEU A 165 -12.66 -17.14 -12.04
CA LEU A 165 -14.02 -16.58 -12.07
C LEU A 165 -14.07 -15.12 -11.56
N LEU A 166 -12.93 -14.66 -11.03
CA LEU A 166 -12.78 -13.26 -10.69
C LEU A 166 -12.66 -12.52 -12.00
N GLU A 167 -13.49 -11.49 -12.17
CA GLU A 167 -13.37 -10.61 -13.34
C GLU A 167 -11.95 -10.01 -13.42
N PRO A 168 -11.35 -9.97 -14.64
CA PRO A 168 -10.06 -9.31 -14.83
C PRO A 168 -10.09 -7.83 -14.43
N GLU A 169 -8.99 -7.36 -13.83
CA GLU A 169 -8.79 -5.95 -13.57
C GLU A 169 -8.63 -5.19 -14.89
N VAL A 170 -9.48 -4.20 -15.06
CA VAL A 170 -9.54 -3.40 -16.26
C VAL A 170 -9.89 -1.96 -15.83
N PHE A 171 -9.07 -1.02 -16.25
CA PHE A 171 -9.31 0.40 -16.14
C PHE A 171 -10.00 0.87 -17.44
N HIS A 172 -11.24 1.32 -17.32
CA HIS A 172 -12.04 1.72 -18.48
C HIS A 172 -12.03 3.23 -18.67
N LEU A 173 -11.76 3.67 -19.88
CA LEU A 173 -11.94 5.10 -20.22
C LEU A 173 -13.41 5.41 -20.47
N ASN A 174 -14.13 4.41 -20.98
CA ASN A 174 -15.55 4.53 -21.32
C ASN A 174 -16.29 3.32 -20.73
N PRO A 175 -16.45 3.26 -19.39
CA PRO A 175 -17.03 2.07 -18.77
C PRO A 175 -18.35 1.66 -19.43
N SER A 176 -19.25 2.63 -19.63
CA SER A 176 -20.56 2.43 -20.25
C SER A 176 -20.55 1.59 -21.53
N LYS A 177 -19.43 1.64 -22.27
CA LYS A 177 -19.31 0.93 -23.55
C LYS A 177 -18.40 -0.32 -23.59
N SER A 178 -17.29 -0.29 -22.87
CA SER A 178 -16.37 -1.42 -22.88
C SER A 178 -16.63 -2.40 -21.75
N ASP A 179 -17.06 -1.89 -20.59
CA ASP A 179 -17.38 -2.74 -19.45
C ASP A 179 -18.81 -3.25 -19.54
N THR A 180 -19.06 -4.12 -20.51
CA THR A 180 -20.41 -4.51 -20.85
C THR A 180 -20.49 -6.00 -21.15
N ASP A 181 -21.55 -6.64 -20.67
CA ASP A 181 -21.82 -8.05 -20.98
C ASP A 181 -21.41 -8.42 -22.40
N ALA A 182 -21.79 -7.57 -23.35
CA ALA A 182 -21.59 -7.76 -24.79
C ALA A 182 -20.11 -7.74 -25.22
N PHE A 183 -19.30 -6.88 -24.61
CA PHE A 183 -17.85 -6.88 -24.91
C PHE A 183 -17.20 -8.16 -24.40
N LYS A 184 -17.65 -8.59 -23.21
CA LYS A 184 -17.13 -9.77 -22.49
C LYS A 184 -17.39 -11.07 -23.21
N ARG A 185 -18.55 -11.15 -23.87
CA ARG A 185 -18.93 -12.36 -24.64
C ARG A 185 -18.09 -12.47 -25.90
N LEU A 186 -17.54 -11.35 -26.36
CA LEU A 186 -16.69 -11.39 -27.54
C LEU A 186 -15.23 -11.63 -27.19
N ILE A 187 -14.71 -10.86 -26.24
CA ILE A 187 -13.29 -10.90 -25.86
C ILE A 187 -12.82 -12.26 -25.35
N ARG A 188 -13.73 -13.02 -24.73
CA ARG A 188 -13.44 -14.37 -24.18
C ARG A 188 -13.01 -15.38 -25.28
N PHE A 189 -13.37 -15.06 -26.51
CA PHE A 189 -12.99 -15.85 -27.67
C PHE A 189 -11.61 -15.46 -28.26
N VAL A 190 -11.12 -14.26 -27.95
CA VAL A 190 -9.82 -13.83 -28.44
C VAL A 190 -8.76 -14.56 -27.61
N PRO A 191 -7.72 -15.13 -28.26
CA PRO A 191 -6.71 -15.83 -27.44
C PRO A 191 -5.89 -14.87 -26.55
N PRO A 192 -5.46 -15.34 -25.37
CA PRO A 192 -4.70 -14.47 -24.46
C PRO A 192 -3.49 -13.80 -25.10
N SER A 193 -3.01 -14.35 -26.22
CA SER A 193 -1.88 -13.74 -26.95
C SER A 193 -2.26 -12.41 -27.67
N LEU A 194 -3.56 -12.20 -27.86
CA LEU A 194 -4.08 -11.04 -28.59
C LEU A 194 -5.16 -10.25 -27.83
N SER A 195 -5.61 -10.76 -26.69
CA SER A 195 -6.79 -10.21 -26.03
C SER A 195 -6.59 -8.77 -25.57
N TRP A 196 -5.39 -8.46 -25.07
CA TRP A 196 -5.11 -7.08 -24.67
C TRP A 196 -5.58 -6.11 -25.76
N TYR A 197 -5.27 -6.44 -27.02
CA TYR A 197 -5.48 -5.54 -28.18
C TYR A 197 -6.93 -5.19 -28.40
N GLY A 198 -7.79 -6.16 -28.15
CA GLY A 198 -9.22 -5.99 -28.23
C GLY A 198 -9.72 -4.98 -27.24
N ALA A 199 -9.29 -5.11 -25.98
CA ALA A 199 -9.68 -4.15 -24.91
C ALA A 199 -9.10 -2.77 -25.21
N TYR A 200 -7.85 -2.73 -25.69
CA TYR A 200 -7.21 -1.47 -26.07
C TYR A 200 -7.99 -0.71 -27.14
N LEU A 201 -8.54 -1.44 -28.11
CA LEU A 201 -9.27 -0.82 -29.23
C LEU A 201 -10.63 -0.25 -28.84
N VAL A 202 -11.13 -0.60 -27.65
CA VAL A 202 -12.33 0.01 -27.06
C VAL A 202 -11.96 0.85 -25.83
N ASN A 203 -10.71 1.34 -25.82
CA ASN A 203 -10.16 2.18 -24.73
C ASN A 203 -10.33 1.57 -23.33
N ALA A 204 -10.01 0.30 -23.23
CA ALA A 204 -10.04 -0.36 -21.94
C ALA A 204 -8.65 -0.93 -21.69
N TYR A 205 -8.21 -0.85 -20.44
CA TYR A 205 -6.79 -1.01 -20.13
C TYR A 205 -6.64 -2.08 -19.02
N PRO A 206 -6.56 -3.38 -19.44
CA PRO A 206 -6.30 -4.47 -18.52
C PRO A 206 -5.02 -4.26 -17.70
N LEU A 207 -5.07 -4.72 -16.45
CA LEU A 207 -3.96 -4.56 -15.53
C LEU A 207 -3.30 -5.90 -15.20
N ASP A 208 -2.02 -5.82 -14.85
CA ASP A 208 -1.28 -6.95 -14.38
C ASP A 208 -1.97 -7.51 -13.13
N MET A 209 -2.08 -8.83 -13.07
CA MET A 209 -2.66 -9.48 -11.90
C MET A 209 -1.75 -10.55 -11.34
N SER A 210 -0.45 -10.45 -11.63
CA SER A 210 0.53 -11.44 -11.19
C SER A 210 0.78 -11.40 -9.68
N GLN A 211 0.43 -10.30 -9.03
CA GLN A 211 0.66 -10.17 -7.59
C GLN A 211 -0.27 -11.02 -6.74
N TYR A 212 -1.41 -11.41 -7.32
CA TYR A 212 -2.42 -12.25 -6.66
C TYR A 212 -1.93 -13.68 -6.41
N PHE A 213 -0.78 -14.05 -6.97
CA PHE A 213 -0.09 -15.31 -6.61
C PHE A 213 0.40 -15.32 -5.14
N ARG A 214 0.54 -14.14 -4.52
CA ARG A 214 1.16 -14.02 -3.19
C ARG A 214 0.24 -13.42 -2.14
N LEU A 215 -0.98 -13.07 -2.54
CA LEU A 215 -1.98 -12.55 -1.64
C LEU A 215 -2.24 -13.55 -0.50
N PHE A 216 -2.42 -14.84 -0.84
CA PHE A 216 -2.76 -15.92 0.14
C PHE A 216 -1.64 -16.93 0.32
N ASN A 217 -1.65 -17.64 1.46
CA ASN A 217 -0.73 -18.77 1.78
C ASN A 217 0.74 -18.35 1.71
N SER A 218 0.95 -17.07 1.96
CA SER A 218 2.21 -16.40 1.64
C SER A 218 2.77 -15.64 2.85
N THR A 219 4.08 -15.56 2.91
CA THR A 219 4.73 -14.85 4.01
C THR A 219 6.08 -14.31 3.55
N ARG A 220 6.63 -13.34 4.25
CA ARG A 220 8.01 -12.91 4.01
C ARG A 220 8.87 -13.54 5.06
N ILE A 221 9.89 -14.30 4.64
CA ILE A 221 10.84 -14.96 5.55
C ILE A 221 12.16 -14.20 5.71
N PRO A 222 12.54 -13.86 6.96
CA PRO A 222 13.76 -13.10 7.17
C PRO A 222 15.00 -13.99 6.95
N ARG A 223 15.94 -13.46 6.19
CA ARG A 223 17.18 -14.17 5.88
C ARG A 223 18.24 -13.08 5.82
N PRO A 224 19.50 -13.45 6.02
CA PRO A 224 20.61 -12.50 5.76
C PRO A 224 20.64 -11.93 4.34
N ASN A 225 21.11 -10.68 4.19
CA ASN A 225 21.27 -10.03 2.90
C ASN A 225 19.95 -9.63 2.21
N ARG A 226 19.08 -10.61 1.96
CA ARG A 226 17.84 -10.43 1.23
C ARG A 226 16.80 -11.43 1.76
N ASP A 227 15.65 -10.90 2.21
CA ASP A 227 14.54 -11.73 2.65
C ASP A 227 13.96 -12.57 1.50
N GLU A 228 13.24 -13.61 1.87
CA GLU A 228 12.63 -14.55 0.93
C GLU A 228 11.08 -14.44 0.94
N LEU A 229 10.44 -14.59 -0.21
CA LEU A 229 8.99 -14.62 -0.26
C LEU A 229 8.54 -16.07 -0.41
N PHE A 230 7.74 -16.55 0.52
CA PHE A 230 7.38 -17.95 0.55
C PHE A 230 5.88 -18.07 0.31
N THR A 231 5.47 -19.07 -0.49
CA THR A 231 4.06 -19.40 -0.74
C THR A 231 3.87 -20.92 -0.63
N ASP A 232 2.76 -21.37 -0.04
CA ASP A 232 2.40 -22.78 -0.08
C ASP A 232 0.92 -22.94 -0.42
N THR A 233 0.66 -23.17 -1.70
CA THR A 233 -0.70 -23.30 -2.24
C THR A 233 -1.49 -24.48 -1.67
N LYS A 234 -0.80 -25.49 -1.15
CA LYS A 234 -1.48 -26.69 -0.64
C LYS A 234 -2.13 -26.52 0.74
N ALA A 235 -1.78 -25.44 1.44
CA ALA A 235 -2.28 -25.24 2.81
C ALA A 235 -3.77 -24.82 2.87
N ARG A 236 -4.53 -25.40 3.81
CA ARG A 236 -5.97 -25.15 3.91
C ARG A 236 -6.41 -24.42 5.19
N HIS A 237 -5.44 -23.99 5.99
CA HIS A 237 -5.74 -23.52 7.33
C HIS A 237 -5.54 -22.03 7.46
N LEU A 238 -6.31 -21.47 8.40
CA LEU A 238 -6.25 -20.13 8.90
C LEU A 238 -5.33 -20.01 10.13
N LEU A 239 -4.61 -18.89 10.20
CA LEU A 239 -3.89 -18.47 11.40
C LEU A 239 -4.63 -17.30 12.11
N VAL A 240 -5.00 -17.52 13.37
CA VAL A 240 -5.61 -16.51 14.18
C VAL A 240 -4.68 -16.11 15.32
N LEU A 241 -4.60 -14.80 15.55
CA LEU A 241 -3.89 -14.22 16.72
C LEU A 241 -4.87 -13.61 17.71
N ARG A 242 -4.82 -14.09 18.95
CA ARG A 242 -5.59 -13.45 20.03
C ARG A 242 -4.79 -13.37 21.32
N LYS A 243 -4.75 -12.18 21.92
CA LYS A 243 -3.88 -11.90 23.08
C LYS A 243 -2.49 -12.49 22.86
N GLY A 244 -2.08 -12.50 21.59
CA GLY A 244 -0.75 -12.96 21.18
C GLY A 244 -0.59 -14.46 21.23
N HIS A 245 -1.70 -15.17 21.35
CA HIS A 245 -1.71 -16.64 21.21
C HIS A 245 -1.99 -17.00 19.74
N PHE A 246 -1.33 -18.06 19.29
CA PHE A 246 -1.41 -18.52 17.91
C PHE A 246 -2.36 -19.73 17.80
N TYR A 247 -3.28 -19.68 16.83
CA TYR A 247 -4.29 -20.73 16.61
C TYR A 247 -4.39 -21.01 15.13
N VAL A 248 -4.51 -22.31 14.78
CA VAL A 248 -4.81 -22.73 13.41
C VAL A 248 -6.02 -23.69 13.35
N PHE A 249 -6.78 -23.53 12.27
CA PHE A 249 -7.86 -24.40 11.87
C PHE A 249 -8.15 -24.30 10.35
N ASP A 250 -8.61 -25.40 9.76
CA ASP A 250 -8.94 -25.43 8.35
C ASP A 250 -10.15 -24.57 7.99
N VAL A 251 -10.04 -23.85 6.88
CA VAL A 251 -11.17 -23.10 6.35
C VAL A 251 -11.58 -23.71 5.00
N LEU A 252 -10.74 -24.62 4.50
CA LEU A 252 -11.02 -25.43 3.33
C LEU A 252 -10.90 -26.90 3.75
N ASP A 253 -11.87 -27.71 3.34
CA ASP A 253 -11.86 -29.15 3.60
C ASP A 253 -10.97 -29.88 2.59
N GLN A 254 -10.88 -31.20 2.72
CA GLN A 254 -10.02 -31.99 1.84
C GLN A 254 -10.47 -32.04 0.38
N ASP A 255 -11.75 -31.78 0.14
CA ASP A 255 -12.31 -31.65 -1.22
C ASP A 255 -12.09 -30.27 -1.92
N GLY A 256 -11.64 -29.27 -1.17
CA GLY A 256 -11.34 -27.94 -1.73
C GLY A 256 -12.48 -26.94 -1.50
N ASN A 257 -13.45 -27.36 -0.71
CA ASN A 257 -14.60 -26.51 -0.39
C ASN A 257 -14.39 -25.73 0.90
N ILE A 258 -15.09 -24.62 1.02
CA ILE A 258 -15.07 -23.87 2.23
C ILE A 258 -15.78 -24.66 3.34
N VAL A 259 -15.06 -24.81 4.46
CA VAL A 259 -15.61 -25.34 5.69
C VAL A 259 -16.87 -24.56 6.03
N ASN A 260 -17.92 -25.28 6.43
CA ASN A 260 -19.21 -24.66 6.82
C ASN A 260 -18.97 -23.44 7.74
N PRO A 261 -19.49 -22.25 7.35
CA PRO A 261 -19.40 -21.00 8.09
C PRO A 261 -19.82 -21.09 9.57
N LEU A 262 -20.80 -21.94 9.90
CA LEU A 262 -21.26 -22.10 11.29
C LEU A 262 -20.24 -22.90 12.10
N GLU A 263 -19.43 -23.71 11.41
CA GLU A 263 -18.31 -24.38 12.02
C GLU A 263 -17.13 -23.42 12.17
N ILE A 264 -16.80 -22.66 11.12
CA ILE A 264 -15.81 -21.59 11.26
C ILE A 264 -16.20 -20.67 12.43
N GLN A 265 -17.49 -20.31 12.53
CA GLN A 265 -17.99 -19.46 13.63
C GLN A 265 -17.78 -20.07 15.00
N ALA A 266 -18.02 -21.39 15.14
CA ALA A 266 -17.71 -22.10 16.39
C ALA A 266 -16.22 -22.04 16.75
N HIS A 267 -15.34 -22.29 15.77
CA HIS A 267 -13.89 -22.23 16.04
C HIS A 267 -13.43 -20.83 16.48
N LEU A 268 -14.01 -19.80 15.86
CA LEU A 268 -13.73 -18.43 16.21
C LEU A 268 -14.33 -18.08 17.59
N LYS A 269 -15.48 -18.64 17.90
CA LYS A 269 -16.12 -18.39 19.21
C LYS A 269 -15.23 -18.96 20.27
N TYR A 270 -14.70 -20.15 19.99
CA TYR A 270 -13.89 -20.90 20.89
C TYR A 270 -12.60 -20.15 21.17
N ILE A 271 -11.99 -19.58 20.13
CA ILE A 271 -10.80 -18.74 20.26
C ILE A 271 -11.13 -17.51 21.13
N LEU A 272 -12.29 -16.92 20.88
CA LEU A 272 -12.77 -15.77 21.64
C LEU A 272 -13.09 -16.09 23.15
N SER A 273 -13.03 -17.35 23.53
CA SER A 273 -13.33 -17.82 24.89
C SER A 273 -12.10 -18.15 25.70
N ASP A 274 -10.96 -18.25 25.03
CA ASP A 274 -9.72 -18.49 25.73
C ASP A 274 -9.58 -17.40 26.77
N SER A 275 -9.29 -17.81 28.00
CA SER A 275 -9.05 -16.86 29.09
C SER A 275 -7.58 -16.84 29.52
N SER A 276 -6.71 -17.46 28.71
CA SER A 276 -5.28 -17.33 28.94
C SER A 276 -4.86 -15.86 28.82
N PRO A 277 -4.09 -15.34 29.79
CA PRO A 277 -3.63 -13.95 29.58
C PRO A 277 -2.52 -13.89 28.53
N VAL A 278 -2.16 -12.69 28.09
CA VAL A 278 -1.06 -12.51 27.15
C VAL A 278 0.20 -13.30 27.64
N PRO A 279 0.89 -14.05 26.72
CA PRO A 279 2.10 -14.78 27.07
C PRO A 279 3.19 -13.87 27.64
N GLU A 280 4.12 -14.42 28.43
CA GLU A 280 5.21 -13.62 29.04
C GLU A 280 6.22 -13.20 27.97
N PHE A 281 6.41 -14.07 26.98
CA PHE A 281 7.22 -13.74 25.82
C PHE A 281 6.39 -13.89 24.52
N PRO A 282 5.61 -12.85 24.16
CA PRO A 282 4.84 -12.97 22.90
C PRO A 282 5.74 -13.02 21.65
N VAL A 283 5.65 -14.11 20.89
CA VAL A 283 6.53 -14.34 19.74
C VAL A 283 6.37 -13.32 18.59
N ALA A 284 5.15 -12.84 18.39
CA ALA A 284 4.86 -11.91 17.28
C ALA A 284 5.75 -10.65 17.30
N TYR A 285 6.20 -10.24 18.49
CA TYR A 285 7.22 -9.16 18.63
C TYR A 285 8.36 -9.30 17.63
N LEU A 286 8.81 -10.54 17.41
CA LEU A 286 10.00 -10.78 16.62
C LEU A 286 9.85 -10.32 15.18
N THR A 287 8.65 -10.44 14.62
CA THR A 287 8.34 -9.94 13.27
C THR A 287 8.46 -8.41 13.12
N SER A 288 8.62 -7.68 14.24
CA SER A 288 8.84 -6.23 14.21
C SER A 288 10.31 -5.83 14.22
N GLU A 289 11.21 -6.81 14.30
CA GLU A 289 12.62 -6.53 14.47
C GLU A 289 13.33 -6.13 13.17
N ASN A 290 14.48 -5.47 13.34
CA ASN A 290 15.49 -5.38 12.29
C ASN A 290 15.58 -6.72 11.57
N ARG A 291 15.78 -6.71 10.24
CA ARG A 291 15.66 -7.95 9.48
C ARG A 291 16.81 -8.95 9.70
N ASP A 292 17.99 -8.46 10.07
CA ASP A 292 19.12 -9.36 10.39
C ASP A 292 18.95 -10.03 11.76
N VAL A 293 18.51 -9.24 12.73
CA VAL A 293 18.22 -9.76 14.06
C VAL A 293 17.18 -10.86 13.98
N TRP A 294 16.07 -10.58 13.31
CA TRP A 294 14.98 -11.56 13.12
C TRP A 294 15.41 -12.78 12.31
N ALA A 295 16.18 -12.57 11.23
CA ALA A 295 16.77 -13.73 10.49
C ALA A 295 17.56 -14.68 11.39
N GLU A 296 18.29 -14.11 12.34
CA GLU A 296 19.12 -14.85 13.23
C GLU A 296 18.31 -15.61 14.30
N LEU A 297 17.38 -14.89 14.92
CA LEU A 297 16.48 -15.47 15.89
C LEU A 297 15.56 -16.54 15.30
N ARG A 298 15.13 -16.38 14.05
CA ARG A 298 14.35 -17.44 13.40
C ARG A 298 15.12 -18.74 13.25
N GLN A 299 16.39 -18.66 12.83
CA GLN A 299 17.29 -19.81 12.75
C GLN A 299 17.42 -20.54 14.10
N LYS A 300 17.43 -19.76 15.19
CA LYS A 300 17.51 -20.32 16.55
C LYS A 300 16.23 -21.08 16.88
N LEU A 301 15.11 -20.50 16.47
CA LEU A 301 13.82 -21.14 16.53
C LEU A 301 13.84 -22.47 15.79
N ILE A 302 14.46 -22.54 14.61
CA ILE A 302 14.57 -23.81 13.88
C ILE A 302 15.50 -24.75 14.67
N PHE A 303 16.67 -24.22 15.06
CA PHE A 303 17.64 -24.96 15.85
C PHE A 303 17.00 -25.60 17.08
N ASP A 304 16.18 -24.84 17.79
CA ASP A 304 15.41 -25.32 18.93
C ASP A 304 14.12 -26.08 18.54
N GLY A 305 14.02 -26.48 17.27
CA GLY A 305 12.98 -27.43 16.86
C GLY A 305 11.57 -26.90 16.58
N ASN A 306 11.47 -25.63 16.15
CA ASN A 306 10.16 -24.99 15.88
C ASN A 306 9.76 -24.92 14.38
N GLU A 307 10.44 -25.69 13.54
CA GLU A 307 10.23 -25.60 12.09
C GLU A 307 8.80 -25.93 11.68
N GLU A 308 8.25 -26.95 12.31
CA GLU A 308 6.91 -27.38 12.02
C GLU A 308 5.88 -26.28 12.40
N THR A 309 6.01 -25.75 13.60
CA THR A 309 5.21 -24.62 14.07
C THR A 309 5.29 -23.41 13.14
N LEU A 310 6.50 -23.11 12.65
CA LEU A 310 6.77 -21.95 11.79
C LEU A 310 6.20 -22.14 10.41
N LYS A 311 6.29 -23.38 9.92
CA LYS A 311 5.71 -23.79 8.66
C LYS A 311 4.19 -23.58 8.64
N LYS A 312 3.55 -23.81 9.79
CA LYS A 312 2.10 -23.63 9.96
C LYS A 312 1.67 -22.15 9.99
N VAL A 313 2.48 -21.33 10.65
CA VAL A 313 2.36 -19.85 10.64
C VAL A 313 2.57 -19.34 9.20
N ASP A 314 3.64 -19.78 8.55
CA ASP A 314 4.09 -19.26 7.27
C ASP A 314 3.07 -19.49 6.15
N SER A 315 2.48 -20.69 6.14
CA SER A 315 1.67 -21.21 5.03
C SER A 315 0.16 -20.95 5.16
N ALA A 316 -0.27 -20.43 6.31
CA ALA A 316 -1.67 -20.08 6.55
C ALA A 316 -2.24 -19.21 5.42
N VAL A 317 -3.54 -19.35 5.16
CA VAL A 317 -4.23 -18.58 4.13
C VAL A 317 -3.95 -17.07 4.27
N PHE A 318 -4.09 -16.57 5.49
CA PHE A 318 -3.69 -15.21 5.86
C PHE A 318 -3.65 -15.24 7.37
N CYS A 319 -3.52 -14.09 8.00
CA CYS A 319 -3.54 -14.06 9.48
C CYS A 319 -4.70 -13.20 9.95
N LEU A 320 -5.58 -13.80 10.78
CA LEU A 320 -6.69 -13.07 11.39
C LEU A 320 -6.32 -12.62 12.79
N CYS A 321 -6.29 -11.31 13.02
CA CYS A 321 -6.00 -10.77 14.34
C CYS A 321 -7.27 -10.31 15.06
N LEU A 322 -7.51 -10.89 16.23
CA LEU A 322 -8.72 -10.58 17.03
C LEU A 322 -8.34 -9.77 18.24
N ASP A 323 -8.62 -8.46 18.20
CA ASP A 323 -8.27 -7.55 19.29
C ASP A 323 -9.48 -7.40 20.26
N ASP A 324 -9.25 -7.47 21.57
CA ASP A 324 -10.35 -7.36 22.58
C ASP A 324 -10.63 -5.99 23.17
N PHE A 325 -10.45 -4.94 22.38
CA PHE A 325 -10.85 -3.62 22.83
C PHE A 325 -11.64 -3.01 21.69
N PRO A 326 -12.56 -2.07 21.99
CA PRO A 326 -13.13 -1.26 20.92
C PRO A 326 -12.25 -0.05 20.61
N MET A 327 -12.56 0.66 19.53
CA MET A 327 -11.84 1.87 19.18
C MET A 327 -12.38 3.13 19.90
N LYS A 328 -11.49 3.87 20.55
CA LYS A 328 -11.84 5.13 21.22
C LYS A 328 -12.16 6.25 20.21
N ASP A 329 -11.30 6.37 19.20
CA ASP A 329 -11.39 7.40 18.15
C ASP A 329 -10.59 6.93 16.94
N LEU A 330 -10.43 7.81 15.95
CA LEU A 330 -9.67 7.51 14.73
C LEU A 330 -8.15 7.47 14.95
N ILE A 331 -7.66 8.21 15.95
CA ILE A 331 -6.24 8.18 16.30
C ILE A 331 -5.87 6.80 16.84
N HIS A 332 -6.69 6.33 17.77
CA HIS A 332 -6.56 5.02 18.39
C HIS A 332 -6.67 3.94 17.33
N LEU A 333 -7.65 4.07 16.43
CA LEU A 333 -7.88 3.17 15.32
C LEU A 333 -6.64 3.06 14.45
N SER A 334 -6.08 4.21 14.07
CA SER A 334 -4.89 4.27 13.23
C SER A 334 -3.70 3.64 13.90
N HIS A 335 -3.45 3.96 15.17
CA HIS A 335 -2.38 3.27 15.88
C HIS A 335 -2.55 1.75 15.89
N THR A 336 -3.75 1.30 16.17
CA THR A 336 -4.11 -0.13 16.23
C THR A 336 -3.88 -0.90 14.94
N MET A 337 -4.36 -0.34 13.81
CA MET A 337 -4.35 -1.04 12.53
C MET A 337 -2.98 -0.89 11.85
N LEU A 338 -2.26 0.17 12.20
CA LEU A 338 -0.88 0.41 11.71
C LEU A 338 0.18 -0.44 12.45
N HIS A 339 0.13 -0.48 13.77
CA HIS A 339 1.15 -1.28 14.49
C HIS A 339 0.61 -2.12 15.62
N GLY A 340 -0.48 -1.70 16.25
CA GLY A 340 -0.95 -2.33 17.50
C GLY A 340 0.05 -2.21 18.65
N ASP A 341 -0.08 -3.09 19.62
CA ASP A 341 0.88 -3.17 20.75
C ASP A 341 2.03 -4.16 20.54
N GLY A 342 2.15 -4.74 19.35
CA GLY A 342 3.30 -5.63 19.07
C GLY A 342 3.08 -7.11 19.38
N THR A 343 2.01 -7.43 20.09
CA THR A 343 1.76 -8.83 20.48
C THR A 343 0.84 -9.61 19.49
N ASN A 344 0.07 -8.88 18.69
CA ASN A 344 -1.09 -9.46 18.05
C ASN A 344 -1.19 -9.28 16.54
N ARG A 345 -0.05 -9.06 15.88
CA ARG A 345 0.04 -9.06 14.38
C ARG A 345 1.22 -9.92 14.00
N TRP A 346 1.05 -10.67 12.91
CA TRP A 346 2.17 -11.43 12.40
C TRP A 346 2.64 -10.62 11.22
N PHE A 347 3.55 -9.70 11.47
CA PHE A 347 3.83 -8.62 10.54
C PHE A 347 4.36 -9.08 9.18
N ASP A 348 5.04 -10.22 9.15
CA ASP A 348 5.63 -10.79 7.92
C ASP A 348 4.60 -11.35 6.87
N LYS A 349 3.38 -11.65 7.35
CA LYS A 349 2.40 -12.37 6.57
C LYS A 349 1.97 -11.48 5.41
N SER A 350 1.50 -12.07 4.32
CA SER A 350 1.10 -11.23 3.17
C SER A 350 0.14 -10.11 3.57
N PHE A 351 -0.84 -10.45 4.41
CA PHE A 351 -1.70 -9.49 5.09
C PHE A 351 -2.24 -10.07 6.37
N ASN A 352 -2.64 -9.14 7.25
CA ASN A 352 -3.31 -9.40 8.53
C ASN A 352 -4.66 -8.72 8.39
N LEU A 353 -5.72 -9.50 8.60
CA LEU A 353 -7.07 -9.03 8.64
C LEU A 353 -7.44 -8.84 10.13
N ILE A 354 -7.63 -7.60 10.54
CA ILE A 354 -7.77 -7.23 11.96
C ILE A 354 -9.24 -6.94 12.24
N VAL A 355 -9.77 -7.53 13.32
CA VAL A 355 -11.17 -7.28 13.72
C VAL A 355 -11.20 -7.06 15.23
N ALA A 356 -11.61 -5.84 15.57
CA ALA A 356 -11.61 -5.34 16.93
C ALA A 356 -12.94 -5.64 17.60
N GLU A 357 -13.08 -5.19 18.84
CA GLU A 357 -14.18 -5.64 19.68
C GLU A 357 -15.51 -5.03 19.25
N ASP A 358 -15.43 -3.89 18.56
CA ASP A 358 -16.62 -3.19 18.05
C ASP A 358 -16.85 -3.47 16.56
N GLY A 359 -16.23 -4.54 16.05
CA GLY A 359 -16.37 -4.91 14.65
C GLY A 359 -15.50 -4.12 13.67
N THR A 360 -14.79 -3.10 14.19
CA THR A 360 -13.82 -2.33 13.36
C THR A 360 -12.74 -3.23 12.76
N ALA A 361 -12.68 -3.22 11.43
CA ALA A 361 -11.77 -4.09 10.69
C ALA A 361 -10.88 -3.32 9.71
N ALA A 362 -9.76 -3.96 9.35
CA ALA A 362 -8.80 -3.39 8.44
C ALA A 362 -7.91 -4.50 7.94
N VAL A 363 -7.30 -4.24 6.78
CA VAL A 363 -6.25 -5.06 6.21
C VAL A 363 -4.93 -4.29 6.43
N HIS A 364 -4.08 -4.86 7.28
CA HIS A 364 -2.69 -4.41 7.47
C HIS A 364 -1.83 -5.29 6.56
N PHE A 365 -0.97 -4.71 5.73
CA PHE A 365 -0.23 -5.59 4.81
C PHE A 365 1.25 -5.27 4.61
N GLU A 366 1.98 -6.30 4.20
CA GLU A 366 3.40 -6.25 3.98
C GLU A 366 3.65 -5.82 2.52
N HIS A 367 4.49 -4.81 2.32
CA HIS A 367 4.47 -4.15 1.03
C HIS A 367 5.32 -4.80 -0.08
N SER A 368 6.20 -5.73 0.26
CA SER A 368 7.14 -6.25 -0.78
C SER A 368 6.52 -7.08 -1.90
N TRP A 369 5.45 -7.82 -1.60
CA TRP A 369 4.93 -8.79 -2.56
C TRP A 369 4.01 -8.21 -3.65
N GLY A 370 3.53 -7.01 -3.42
CA GLY A 370 2.50 -6.39 -4.22
C GLY A 370 2.04 -5.02 -3.74
N ASP A 371 1.15 -4.39 -4.50
CA ASP A 371 0.81 -2.99 -4.29
C ASP A 371 -0.67 -2.73 -3.94
N GLY A 372 -0.95 -1.48 -3.61
CA GLY A 372 -2.28 -1.03 -3.14
C GLY A 372 -3.42 -1.42 -4.05
N VAL A 373 -3.16 -1.37 -5.36
CA VAL A 373 -4.16 -1.75 -6.37
C VAL A 373 -4.71 -3.19 -6.30
N ALA A 374 -3.84 -4.17 -6.03
CA ALA A 374 -4.25 -5.58 -5.86
C ALA A 374 -4.92 -5.86 -4.51
N VAL A 375 -4.42 -5.18 -3.48
CA VAL A 375 -5.02 -5.21 -2.15
C VAL A 375 -6.39 -4.54 -2.20
N LEU A 376 -6.51 -3.40 -2.85
CA LEU A 376 -7.80 -2.72 -3.03
C LEU A 376 -8.91 -3.58 -3.67
N ARG A 377 -8.61 -4.28 -4.76
CA ARG A 377 -9.56 -5.21 -5.36
C ARG A 377 -10.04 -6.26 -4.37
N PHE A 378 -9.07 -6.91 -3.72
CA PHE A 378 -9.40 -7.91 -2.70
C PHE A 378 -10.26 -7.29 -1.62
N PHE A 379 -9.81 -6.15 -1.10
CA PHE A 379 -10.52 -5.32 -0.11
C PHE A 379 -11.97 -4.91 -0.51
N ASN A 380 -12.16 -4.44 -1.75
CA ASN A 380 -13.50 -4.06 -2.28
C ASN A 380 -14.45 -5.28 -2.45
N GLU A 381 -13.91 -6.40 -2.97
CA GLU A 381 -14.69 -7.63 -3.15
C GLU A 381 -15.16 -8.26 -1.84
N VAL A 382 -14.28 -8.25 -0.85
CA VAL A 382 -14.56 -8.83 0.47
C VAL A 382 -15.56 -7.96 1.24
N PHE A 383 -15.41 -6.64 1.15
CA PHE A 383 -16.36 -5.73 1.79
C PHE A 383 -17.77 -5.90 1.21
N ARG A 384 -17.87 -5.83 -0.12
CA ARG A 384 -19.11 -6.07 -0.86
C ARG A 384 -19.76 -7.43 -0.50
N ASP A 385 -18.99 -8.51 -0.58
CA ASP A 385 -19.50 -9.84 -0.29
C ASP A 385 -19.95 -10.00 1.16
N SER A 386 -19.09 -9.56 2.08
CA SER A 386 -19.27 -9.78 3.51
C SER A 386 -20.53 -9.08 4.04
N THR A 387 -20.95 -8.03 3.32
CA THR A 387 -22.03 -7.12 3.76
C THR A 387 -23.33 -7.30 2.98
N GLN A 388 -23.21 -7.60 1.69
CA GLN A 388 -24.36 -7.83 0.85
C GLN A 388 -24.77 -9.30 0.82
N THR A 389 -23.79 -10.21 0.88
CA THR A 389 -24.04 -11.65 0.90
C THR A 389 -23.37 -12.31 2.11
N PRO A 390 -23.71 -11.87 3.33
CA PRO A 390 -22.98 -12.41 4.52
C PRO A 390 -23.16 -13.93 4.72
N ALA A 391 -22.10 -14.60 5.16
CA ALA A 391 -22.18 -16.05 5.38
C ALA A 391 -23.10 -16.38 6.55
N ILE A 392 -22.99 -15.59 7.61
CA ILE A 392 -23.79 -15.79 8.80
C ILE A 392 -24.49 -14.48 9.21
N THR A 393 -25.44 -14.58 10.14
CA THR A 393 -26.15 -13.41 10.64
C THR A 393 -25.75 -13.26 12.10
N PRO A 394 -26.03 -12.09 12.71
CA PRO A 394 -25.73 -11.95 14.15
C PRO A 394 -26.60 -12.88 15.05
N GLN A 395 -27.53 -13.61 14.45
CA GLN A 395 -28.40 -14.55 15.20
C GLN A 395 -28.04 -16.01 14.91
N SER A 396 -27.10 -16.22 13.98
CA SER A 396 -26.60 -17.55 13.65
C SER A 396 -26.10 -18.30 14.88
N GLN A 397 -26.41 -19.59 14.92
CA GLN A 397 -26.03 -20.46 16.02
C GLN A 397 -24.84 -21.27 15.54
N PRO A 398 -23.72 -21.22 16.28
CA PRO A 398 -22.52 -21.95 15.90
C PRO A 398 -22.79 -23.43 15.80
N ALA A 399 -22.08 -24.13 14.90
CA ALA A 399 -22.31 -25.57 14.73
C ALA A 399 -21.86 -26.31 15.97
N ALA A 400 -22.62 -27.34 16.35
CA ALA A 400 -22.22 -28.25 17.41
C ALA A 400 -21.08 -29.04 16.81
N THR A 401 -19.92 -28.93 17.46
CA THR A 401 -18.63 -29.35 16.94
C THR A 401 -17.63 -29.20 18.09
N ASN A 402 -16.57 -30.00 18.07
CA ASN A 402 -15.57 -29.95 19.13
C ASN A 402 -14.32 -29.20 18.69
N SER A 403 -14.26 -27.90 19.04
CA SER A 403 -13.21 -27.06 18.49
C SER A 403 -11.83 -27.32 19.08
N SER A 404 -11.75 -28.05 20.19
CA SER A 404 -10.43 -28.41 20.71
C SER A 404 -9.81 -29.49 19.84
N ALA A 405 -10.64 -30.19 19.04
CA ALA A 405 -10.12 -31.11 18.04
C ALA A 405 -9.75 -30.40 16.72
N SER A 406 -10.62 -29.50 16.26
CA SER A 406 -10.44 -28.79 15.00
C SER A 406 -9.34 -27.72 15.02
N VAL A 407 -9.25 -27.02 16.14
CA VAL A 407 -8.35 -25.89 16.33
C VAL A 407 -7.12 -26.28 17.15
N GLU A 408 -5.93 -26.05 16.61
CA GLU A 408 -4.70 -26.29 17.35
C GLU A 408 -4.15 -24.96 17.89
N THR A 409 -3.83 -24.93 19.17
CA THR A 409 -3.09 -23.79 19.71
C THR A 409 -1.64 -24.14 19.49
N LEU A 410 -0.93 -23.30 18.75
CA LEU A 410 0.49 -23.54 18.53
C LEU A 410 1.32 -23.23 19.80
N SER A 411 2.47 -23.90 19.93
CA SER A 411 3.39 -23.61 21.01
C SER A 411 4.79 -23.53 20.43
N PHE A 412 5.51 -22.48 20.80
CA PHE A 412 6.90 -22.30 20.44
C PHE A 412 7.75 -22.75 21.64
N ASN A 413 8.80 -23.52 21.37
CA ASN A 413 9.79 -23.89 22.41
C ASN A 413 10.87 -22.80 22.47
N LEU A 414 10.80 -21.94 23.50
CA LEU A 414 11.69 -20.76 23.63
C LEU A 414 12.92 -20.94 24.51
N SER A 415 14.08 -20.91 23.90
CA SER A 415 15.33 -20.95 24.64
C SER A 415 15.57 -19.64 25.39
N GLY A 416 16.57 -19.62 26.27
CA GLY A 416 16.93 -18.40 27.00
C GLY A 416 17.29 -17.24 26.10
N ALA A 417 17.99 -17.54 25.01
CA ALA A 417 18.32 -16.56 23.97
C ALA A 417 17.07 -16.03 23.23
N LEU A 418 16.09 -16.91 22.97
CA LEU A 418 14.83 -16.48 22.30
C LEU A 418 14.03 -15.55 23.17
N LYS A 419 14.02 -15.84 24.46
CA LYS A 419 13.32 -15.01 25.42
C LYS A 419 13.96 -13.62 25.51
N ALA A 420 15.28 -13.60 25.60
CA ALA A 420 16.01 -12.33 25.63
C ALA A 420 15.76 -11.58 24.30
N GLY A 421 15.83 -12.29 23.17
CA GLY A 421 15.43 -11.74 21.88
C GLY A 421 14.05 -11.06 21.83
N ILE A 422 13.03 -11.73 22.37
CA ILE A 422 11.68 -11.19 22.47
C ILE A 422 11.56 -9.97 23.39
N THR A 423 12.23 -10.01 24.53
CA THR A 423 12.31 -8.81 25.41
C THR A 423 12.91 -7.62 24.64
N ALA A 424 14.00 -7.86 23.92
CA ALA A 424 14.65 -6.79 23.21
C ALA A 424 13.76 -6.28 22.06
N ALA A 425 13.04 -7.19 21.39
CA ALA A 425 12.12 -6.79 20.30
C ALA A 425 11.05 -5.83 20.86
N LYS A 426 10.55 -6.19 22.04
CA LYS A 426 9.52 -5.45 22.73
C LYS A 426 9.97 -4.05 23.18
N GLU A 427 11.20 -3.93 23.67
CA GLU A 427 11.75 -2.64 24.07
C GLU A 427 11.86 -1.69 22.87
N LYS A 428 12.47 -2.19 21.78
CA LYS A 428 12.59 -1.45 20.52
C LYS A 428 11.20 -1.06 19.98
N PHE A 429 10.26 -2.00 19.91
CA PHE A 429 8.90 -1.70 19.49
C PHE A 429 8.29 -0.54 20.29
N ASP A 430 8.15 -0.75 21.61
CA ASP A 430 7.53 0.23 22.51
C ASP A 430 8.17 1.60 22.46
N THR A 431 9.50 1.63 22.43
CA THR A 431 10.24 2.88 22.40
C THR A 431 10.09 3.59 21.04
N THR A 432 10.04 2.85 19.95
CA THR A 432 9.88 3.50 18.64
C THR A 432 8.48 4.03 18.45
N VAL A 433 7.51 3.26 18.94
CA VAL A 433 6.08 3.54 18.74
C VAL A 433 5.59 4.76 19.54
N LYS A 434 6.14 4.91 20.75
CA LYS A 434 5.90 6.08 21.59
C LYS A 434 6.18 7.38 20.86
N THR A 435 7.14 7.37 19.94
CA THR A 435 7.52 8.60 19.21
C THR A 435 6.67 8.89 17.99
N LEU A 436 5.66 8.06 17.72
CA LEU A 436 4.79 8.26 16.56
C LEU A 436 3.49 8.93 16.95
N SER A 437 3.15 9.99 16.24
CA SER A 437 1.84 10.63 16.35
C SER A 437 1.12 10.52 15.05
N ILE A 438 -0.20 10.49 15.14
CA ILE A 438 -1.08 10.40 13.97
C ILE A 438 -2.29 11.24 14.31
N ASP A 439 -2.71 12.11 13.38
CA ASP A 439 -3.99 12.79 13.55
C ASP A 439 -4.61 13.03 12.20
N SER A 440 -5.86 13.50 12.18
CA SER A 440 -6.63 13.54 10.97
C SER A 440 -7.53 14.76 10.89
N ILE A 441 -7.92 15.09 9.67
CA ILE A 441 -8.93 16.11 9.42
C ILE A 441 -9.96 15.62 8.41
N GLN A 442 -11.16 16.15 8.57
CA GLN A 442 -12.23 15.94 7.64
C GLN A 442 -12.60 17.37 7.18
N PHE A 443 -12.15 17.77 5.99
CA PHE A 443 -12.47 19.11 5.45
C PHE A 443 -13.82 19.03 4.74
N GLN A 444 -14.81 19.77 5.24
CA GLN A 444 -16.19 19.50 4.81
C GLN A 444 -16.86 20.50 3.86
N ARG A 445 -16.14 21.56 3.47
CA ARG A 445 -16.61 22.55 2.51
C ARG A 445 -16.83 22.02 1.11
N GLY A 446 -16.01 21.04 0.70
CA GLY A 446 -16.14 20.43 -0.62
C GLY A 446 -15.08 19.39 -0.92
N GLY A 447 -15.19 18.80 -2.11
CA GLY A 447 -14.31 17.72 -2.54
C GLY A 447 -14.34 17.68 -4.05
N LYS A 448 -14.37 16.47 -4.62
CA LYS A 448 -14.34 16.26 -6.08
C LYS A 448 -15.34 17.09 -6.84
N GLU A 449 -16.61 17.03 -6.42
CA GLU A 449 -17.72 17.66 -7.15
C GLU A 449 -17.49 19.15 -7.44
N PHE A 450 -17.14 19.92 -6.41
CA PHE A 450 -16.84 21.36 -6.56
C PHE A 450 -15.58 21.59 -7.40
N LEU A 451 -14.57 20.75 -7.20
CA LEU A 451 -13.29 20.93 -7.87
C LEU A 451 -13.37 20.62 -9.38
N LYS A 452 -14.06 19.56 -9.74
CA LYS A 452 -14.33 19.22 -11.15
C LYS A 452 -15.18 20.28 -11.86
N LYS A 453 -16.16 20.83 -11.15
CA LYS A 453 -16.92 21.99 -11.65
C LYS A 453 -16.02 23.18 -12.00
N LYS A 454 -14.92 23.32 -11.27
CA LYS A 454 -13.97 24.40 -11.46
C LYS A 454 -12.88 24.09 -12.49
N GLN A 455 -12.99 22.94 -13.15
CA GLN A 455 -12.00 22.46 -14.14
C GLN A 455 -10.62 22.11 -13.54
N LEU A 456 -10.59 21.70 -12.26
CA LEU A 456 -9.34 21.35 -11.60
C LEU A 456 -9.32 19.87 -11.23
N SER A 457 -8.15 19.27 -11.38
CA SER A 457 -7.87 17.96 -10.86
C SER A 457 -7.89 17.98 -9.34
N PRO A 458 -8.81 17.23 -8.72
CA PRO A 458 -8.91 17.16 -7.24
C PRO A 458 -7.62 16.66 -6.57
N ASP A 459 -6.88 15.79 -7.25
CA ASP A 459 -5.66 15.23 -6.68
C ASP A 459 -4.57 16.30 -6.60
N ALA A 460 -4.51 17.14 -7.64
CA ALA A 460 -3.60 18.29 -7.69
C ALA A 460 -3.88 19.31 -6.59
N VAL A 461 -5.17 19.53 -6.32
CA VAL A 461 -5.61 20.45 -5.25
C VAL A 461 -5.16 19.92 -3.87
N ALA A 462 -5.42 18.65 -3.57
CA ALA A 462 -4.91 18.04 -2.33
C ALA A 462 -3.40 18.21 -2.20
N GLN A 463 -2.67 17.94 -3.28
CA GLN A 463 -1.20 17.98 -3.25
C GLN A 463 -0.64 19.40 -3.11
N LEU A 464 -1.27 20.36 -3.78
CA LEU A 464 -0.95 21.78 -3.61
C LEU A 464 -1.15 22.21 -2.15
N ALA A 465 -2.27 21.77 -1.54
CA ALA A 465 -2.54 22.05 -0.11
C ALA A 465 -1.42 21.58 0.82
N PHE A 466 -0.83 20.40 0.54
CA PHE A 466 0.28 19.86 1.34
C PHE A 466 1.57 20.66 1.17
N GLN A 467 1.84 21.09 -0.07
CA GLN A 467 3.01 21.95 -0.39
C GLN A 467 2.82 23.28 0.34
N MET A 468 1.60 23.82 0.22
CA MET A 468 1.25 25.12 0.80
C MET A 468 1.27 25.10 2.33
N ALA A 469 0.71 24.04 2.92
CA ALA A 469 0.75 23.87 4.37
C ALA A 469 2.18 23.78 4.92
N PHE A 470 3.04 23.05 4.20
CA PHE A 470 4.44 22.90 4.61
C PHE A 470 5.22 24.22 4.49
N LEU A 471 4.90 25.05 3.51
CA LEU A 471 5.54 26.36 3.39
C LEU A 471 5.11 27.18 4.60
N ARG A 472 3.81 27.20 4.87
CA ARG A 472 3.26 27.91 6.01
C ARG A 472 3.95 27.46 7.32
N GLN A 473 4.04 26.15 7.53
CA GLN A 473 4.59 25.60 8.79
C GLN A 473 6.11 25.71 8.91
N TYR A 474 6.84 25.41 7.83
CA TYR A 474 8.29 25.34 7.91
C TYR A 474 9.06 26.36 7.02
N GLY A 475 8.33 27.06 6.14
CA GLY A 475 8.96 28.02 5.19
C GLY A 475 9.94 27.41 4.19
N GLN A 476 9.72 26.13 3.86
CA GLN A 476 10.57 25.39 2.91
C GLN A 476 9.74 24.66 1.85
N THR A 477 10.43 24.27 0.78
CA THR A 477 9.91 23.37 -0.25
C THR A 477 10.77 22.13 -0.14
N VAL A 478 10.09 20.99 -0.04
CA VAL A 478 10.78 19.74 0.30
C VAL A 478 10.40 18.61 -0.63
N ALA A 479 11.29 17.62 -0.69
CA ALA A 479 11.10 16.41 -1.49
C ALA A 479 9.74 15.72 -1.16
N THR A 480 8.95 15.52 -2.21
CA THR A 480 7.58 15.03 -2.05
C THR A 480 7.39 13.80 -2.93
N TYR A 481 6.68 12.83 -2.42
CA TYR A 481 6.49 11.55 -3.07
C TYR A 481 4.99 11.28 -3.16
N GLU A 482 4.53 10.87 -4.33
CA GLU A 482 3.17 10.35 -4.48
C GLU A 482 3.22 9.06 -5.30
N SER A 483 2.73 7.97 -4.73
CA SER A 483 2.67 6.69 -5.46
C SER A 483 1.68 6.66 -6.65
N CYS A 484 2.07 5.92 -7.69
CA CYS A 484 1.22 5.73 -8.88
C CYS A 484 1.44 4.34 -9.46
N SER A 485 0.37 3.58 -9.59
CA SER A 485 0.46 2.24 -10.17
C SER A 485 0.95 2.28 -11.61
N THR A 486 1.86 1.37 -11.96
CA THR A 486 2.12 1.07 -13.36
C THR A 486 1.63 -0.35 -13.73
N ALA A 487 0.54 -0.79 -13.11
CA ALA A 487 -0.06 -2.13 -13.37
C ALA A 487 -0.69 -2.34 -14.74
N ALA A 488 -0.87 -1.27 -15.51
CA ALA A 488 -1.25 -1.38 -16.93
C ALA A 488 -0.21 -2.15 -17.80
N PHE A 489 0.99 -2.36 -17.27
CA PHE A 489 2.03 -3.13 -17.94
C PHE A 489 2.38 -4.46 -17.24
N LYS A 490 2.88 -5.40 -18.05
CA LYS A 490 3.44 -6.67 -17.59
C LYS A 490 4.43 -6.47 -16.43
N HIS A 491 4.14 -7.08 -15.28
CA HIS A 491 4.93 -6.93 -14.02
C HIS A 491 5.26 -5.48 -13.59
N GLY A 492 4.34 -4.56 -13.85
CA GLY A 492 4.50 -3.18 -13.47
C GLY A 492 4.17 -3.13 -12.01
N ARG A 493 4.73 -2.14 -11.30
CA ARG A 493 4.54 -1.98 -9.87
C ARG A 493 3.96 -0.60 -9.63
N THR A 494 4.83 0.32 -9.19
CA THR A 494 4.52 1.75 -9.08
C THR A 494 5.60 2.61 -9.76
N GLU A 495 5.24 3.86 -10.02
CA GLU A 495 6.14 4.92 -10.45
C GLU A 495 5.89 6.07 -9.44
N THR A 496 6.90 6.91 -9.20
CA THR A 496 6.77 8.08 -8.31
C THR A 496 6.26 9.28 -9.11
N ILE A 497 5.17 9.89 -8.65
CA ILE A 497 4.72 11.22 -9.05
C ILE A 497 5.38 12.18 -8.05
N ARG A 498 6.06 13.19 -8.60
CA ARG A 498 6.67 14.23 -7.83
C ARG A 498 5.77 15.49 -7.91
N PRO A 499 4.85 15.66 -6.93
CA PRO A 499 3.90 16.78 -6.93
C PRO A 499 4.48 18.17 -6.59
N ALA A 500 5.70 18.20 -6.03
CA ALA A 500 6.35 19.48 -5.73
C ALA A 500 7.00 20.03 -6.99
N SER A 501 6.37 21.04 -7.56
CA SER A 501 6.82 21.59 -8.84
C SER A 501 7.02 23.08 -8.69
N ILE A 502 7.54 23.72 -9.75
CA ILE A 502 7.71 25.17 -9.75
C ILE A 502 6.37 25.87 -9.64
N PHE A 503 5.31 25.23 -10.11
CA PHE A 503 3.99 25.85 -10.05
C PHE A 503 3.35 25.78 -8.66
N THR A 504 3.59 24.70 -7.92
CA THR A 504 2.99 24.55 -6.59
C THR A 504 3.73 25.47 -5.67
N LYS A 505 5.04 25.58 -5.91
CA LYS A 505 5.93 26.46 -5.18
C LYS A 505 5.55 27.96 -5.38
N ARG A 506 5.35 28.39 -6.61
CA ARG A 506 4.97 29.77 -6.90
C ARG A 506 3.57 30.12 -6.40
N CYS A 507 2.64 29.18 -6.58
CA CYS A 507 1.29 29.28 -6.04
C CYS A 507 1.27 29.25 -4.49
N SER A 508 2.06 28.39 -3.85
CA SER A 508 2.20 28.41 -2.39
C SER A 508 2.77 29.74 -1.86
N GLU A 509 3.83 30.22 -2.51
CA GLU A 509 4.41 31.52 -2.18
C GLU A 509 3.37 32.65 -2.28
N ALA A 510 2.58 32.63 -3.35
CA ALA A 510 1.55 33.64 -3.57
C ALA A 510 0.50 33.63 -2.44
N PHE A 511 0.05 32.44 -2.04
CA PHE A 511 -0.97 32.34 -0.99
C PHE A 511 -0.45 32.66 0.41
N VAL A 512 0.74 32.18 0.73
CA VAL A 512 1.34 32.27 2.07
C VAL A 512 2.09 33.58 2.24
N ARG A 513 3.01 33.88 1.32
CA ARG A 513 3.96 35.00 1.53
C ARG A 513 3.45 36.38 1.12
N ASP A 514 2.56 36.46 0.14
CA ASP A 514 1.90 37.75 -0.19
C ASP A 514 0.50 37.59 -0.78
N PRO A 515 -0.48 37.28 0.09
CA PRO A 515 -1.88 37.26 -0.34
C PRO A 515 -2.34 38.60 -0.97
N SER A 516 -1.68 39.70 -0.61
CA SER A 516 -2.04 41.04 -1.09
C SER A 516 -1.84 41.17 -2.60
N LYS A 517 -0.62 40.84 -3.03
CA LYS A 517 -0.11 40.99 -4.40
C LYS A 517 -1.00 40.50 -5.55
N HIS A 518 -1.87 39.53 -5.31
CA HIS A 518 -2.58 38.87 -6.41
C HIS A 518 -4.09 38.97 -6.33
N SER A 519 -4.75 39.02 -7.48
CA SER A 519 -6.22 39.03 -7.54
C SER A 519 -6.74 37.60 -7.46
N VAL A 520 -8.04 37.42 -7.17
CA VAL A 520 -8.63 36.08 -7.13
C VAL A 520 -8.47 35.39 -8.47
N GLY A 521 -8.54 36.18 -9.55
CA GLY A 521 -8.35 35.67 -10.91
C GLY A 521 -6.98 35.06 -11.09
N GLU A 522 -5.96 35.73 -10.58
CA GLU A 522 -4.58 35.26 -10.75
C GLU A 522 -4.31 33.98 -9.98
N LEU A 523 -4.79 33.92 -8.74
CA LEU A 523 -4.65 32.72 -7.90
C LEU A 523 -5.39 31.53 -8.50
N GLN A 524 -6.54 31.81 -9.10
CA GLN A 524 -7.32 30.81 -9.82
C GLN A 524 -6.54 30.25 -11.00
N HIS A 525 -5.88 31.14 -11.74
CA HIS A 525 -5.11 30.76 -12.91
C HIS A 525 -3.86 29.99 -12.48
N MET A 526 -3.16 30.51 -11.45
CA MET A 526 -2.06 29.79 -10.78
C MET A 526 -2.44 28.39 -10.34
N MET A 527 -3.59 28.24 -9.71
CA MET A 527 -4.03 26.91 -9.30
C MET A 527 -4.26 26.01 -10.50
N ALA A 528 -4.74 26.60 -11.59
CA ALA A 528 -5.03 25.86 -12.82
C ALA A 528 -3.75 25.36 -13.47
N GLU A 529 -2.66 26.13 -13.38
CA GLU A 529 -1.35 25.66 -13.90
C GLU A 529 -0.69 24.51 -13.13
N CYS A 530 -0.79 24.53 -11.79
CA CYS A 530 -0.43 23.40 -10.91
C CYS A 530 -1.13 22.15 -11.36
N SER A 531 -2.43 22.30 -11.58
CA SER A 531 -3.34 21.22 -11.88
C SER A 531 -3.03 20.58 -13.25
N LYS A 532 -2.74 21.43 -14.24
CA LYS A 532 -2.35 20.97 -15.57
C LYS A 532 -1.01 20.25 -15.52
N TYR A 533 -0.06 20.78 -14.75
CA TYR A 533 1.21 20.10 -14.61
C TYR A 533 1.07 18.77 -13.85
N HIS A 534 0.35 18.79 -12.73
CA HIS A 534 0.07 17.56 -11.96
C HIS A 534 -0.57 16.47 -12.81
N GLY A 535 -1.59 16.84 -13.59
CA GLY A 535 -2.29 15.91 -14.49
C GLY A 535 -1.31 15.32 -15.50
N GLN A 536 -0.45 16.16 -16.08
CA GLN A 536 0.64 15.70 -16.97
C GLN A 536 1.60 14.68 -16.34
N LEU A 537 2.11 14.97 -15.15
CA LEU A 537 2.97 14.00 -14.43
C LEU A 537 2.28 12.70 -14.07
N THR A 538 1.00 12.83 -13.73
CA THR A 538 0.15 11.68 -13.44
C THR A 538 0.11 10.72 -14.62
N LYS A 539 -0.37 11.20 -15.79
CA LYS A 539 -0.43 10.38 -17.00
C LYS A 539 0.93 9.82 -17.38
N GLU A 540 1.97 10.65 -17.30
CA GLU A 540 3.33 10.16 -17.58
C GLU A 540 3.73 9.02 -16.60
N ALA A 541 3.44 9.18 -15.31
CA ALA A 541 3.83 8.18 -14.31
C ALA A 541 3.11 6.86 -14.55
N ALA A 542 1.83 6.93 -14.88
CA ALA A 542 1.04 5.73 -15.16
C ALA A 542 1.54 5.02 -16.41
N MET A 543 2.08 5.80 -17.37
CA MET A 543 2.70 5.28 -18.61
C MET A 543 4.16 4.84 -18.46
N GLY A 544 4.66 4.85 -17.24
CA GLY A 544 6.05 4.55 -16.97
C GLY A 544 7.04 5.65 -17.34
N GLN A 545 6.53 6.88 -17.55
CA GLN A 545 7.39 8.02 -17.96
C GLN A 545 7.78 8.99 -16.86
N GLY A 546 7.87 8.51 -15.60
CA GLY A 546 8.52 9.25 -14.51
C GLY A 546 10.03 9.06 -14.67
N PHE A 547 10.83 9.62 -13.75
CA PHE A 547 12.30 9.39 -13.78
C PHE A 547 12.83 8.48 -12.68
N ASP A 548 12.05 8.30 -11.62
CA ASP A 548 12.56 7.69 -10.42
C ASP A 548 12.95 6.23 -10.60
N ARG A 549 12.07 5.46 -11.24
CA ARG A 549 12.28 4.02 -11.42
C ARG A 549 13.45 3.74 -12.38
N HIS A 550 13.46 4.49 -13.48
CA HIS A 550 14.49 4.45 -14.47
C HIS A 550 15.89 4.75 -13.87
N LEU A 551 16.08 5.89 -13.21
CA LEU A 551 17.33 6.17 -12.50
C LEU A 551 17.68 5.12 -11.46
N TYR A 552 16.66 4.59 -10.79
CA TYR A 552 16.92 3.55 -9.78
C TYR A 552 17.44 2.26 -10.44
N ALA A 553 16.81 1.87 -11.57
CA ALA A 553 17.23 0.66 -12.30
C ALA A 553 18.66 0.77 -12.88
N LEU A 554 19.05 1.97 -13.32
CA LEU A 554 20.46 2.19 -13.71
C LEU A 554 21.42 2.06 -12.53
N ARG A 555 21.09 2.64 -11.37
CA ARG A 555 21.91 2.49 -10.17
C ARG A 555 22.02 1.02 -9.80
N TYR A 556 20.88 0.34 -9.82
CA TYR A 556 20.82 -1.10 -9.53
C TYR A 556 21.70 -1.92 -10.46
N LEU A 557 21.63 -1.62 -11.73
CA LEU A 557 22.42 -2.33 -12.71
C LEU A 557 23.95 -2.16 -12.51
N ALA A 558 24.38 -0.91 -12.31
CA ALA A 558 25.78 -0.58 -11.97
C ALA A 558 26.30 -1.40 -10.78
N THR A 559 25.51 -1.41 -9.70
CA THR A 559 25.83 -2.18 -8.51
C THR A 559 25.88 -3.70 -8.80
N ALA A 560 24.86 -4.22 -9.46
CA ALA A 560 24.80 -5.64 -9.81
C ALA A 560 25.95 -6.06 -10.74
N ARG A 561 26.48 -5.13 -11.52
CA ARG A 561 27.63 -5.43 -12.38
C ARG A 561 28.95 -5.31 -11.62
N GLY A 562 28.89 -4.91 -10.36
CA GLY A 562 30.09 -4.71 -9.54
C GLY A 562 30.88 -3.43 -9.77
N LEU A 563 30.22 -2.40 -10.30
CA LEU A 563 30.85 -1.11 -10.56
C LEU A 563 30.70 -0.15 -9.38
N ASN A 564 31.65 0.77 -9.21
CA ASN A 564 31.44 1.85 -8.26
C ASN A 564 30.16 2.59 -8.59
N LEU A 565 29.44 2.98 -7.55
CA LEU A 565 28.25 3.82 -7.65
C LEU A 565 28.59 5.14 -8.34
N PRO A 566 27.96 5.41 -9.50
CA PRO A 566 28.18 6.66 -10.22
C PRO A 566 27.92 7.94 -9.41
N GLU A 567 28.73 8.96 -9.69
CA GLU A 567 28.70 10.28 -9.03
C GLU A 567 27.31 10.96 -8.98
N LEU A 568 26.46 10.73 -9.99
CA LEU A 568 25.07 11.19 -9.94
C LEU A 568 24.36 10.85 -8.63
N TYR A 569 24.54 9.60 -8.20
CA TYR A 569 23.85 9.06 -7.04
C TYR A 569 24.51 9.49 -5.74
N LEU A 570 25.74 10.05 -5.82
CA LEU A 570 26.46 10.55 -4.65
C LEU A 570 26.17 12.02 -4.38
N ASP A 571 25.54 12.66 -5.36
CA ASP A 571 25.16 14.07 -5.25
C ASP A 571 24.16 14.19 -4.09
N PRO A 572 24.43 15.08 -3.09
CA PRO A 572 23.49 15.27 -1.97
C PRO A 572 22.09 15.65 -2.45
N ALA A 573 22.01 16.28 -3.63
CA ALA A 573 20.72 16.61 -4.26
C ALA A 573 19.97 15.36 -4.73
N TYR A 574 20.69 14.30 -5.07
CA TYR A 574 20.05 13.01 -5.31
C TYR A 574 19.57 12.37 -3.99
N GLN A 575 20.46 12.27 -3.01
CA GLN A 575 20.11 11.73 -1.70
C GLN A 575 18.91 12.50 -1.11
N GLN A 576 18.94 13.84 -1.21
CA GLN A 576 17.84 14.71 -0.79
C GLN A 576 16.52 14.48 -1.53
N MET A 577 16.58 14.11 -2.81
CA MET A 577 15.37 13.84 -3.62
C MET A 577 14.66 12.60 -3.07
N ASN A 578 15.44 11.69 -2.51
CA ASN A 578 14.97 10.41 -1.98
C ASN A 578 14.93 10.33 -0.46
N HIS A 579 14.97 11.50 0.17
CA HIS A 579 14.72 11.61 1.59
C HIS A 579 13.38 12.33 1.62
N ASN A 580 12.31 11.54 1.46
CA ASN A 580 10.93 12.05 1.23
C ASN A 580 10.23 12.49 2.49
N ILE A 581 10.31 13.79 2.73
CA ILE A 581 9.68 14.45 3.88
C ILE A 581 8.14 14.49 3.79
N LEU A 582 7.63 14.75 2.61
CA LEU A 582 6.20 14.66 2.39
C LEU A 582 5.99 13.41 1.57
N SER A 583 5.47 12.36 2.22
CA SER A 583 5.23 11.07 1.58
C SER A 583 3.75 10.87 1.64
N THR A 584 3.13 10.79 0.46
CA THR A 584 1.69 10.88 0.32
C THR A 584 1.13 9.65 -0.42
N SER A 585 -0.15 9.38 -0.23
CA SER A 585 -0.77 8.25 -0.91
C SER A 585 -2.24 8.41 -0.76
N THR A 586 -2.94 8.06 -1.83
CA THR A 586 -4.39 7.99 -1.84
C THR A 586 -4.85 6.74 -2.59
N LEU A 587 -5.76 6.01 -1.97
CA LEU A 587 -6.63 5.07 -2.67
C LEU A 587 -8.05 5.36 -2.18
N ASN A 588 -9.04 5.31 -3.09
CA ASN A 588 -10.42 5.55 -2.70
C ASN A 588 -11.35 4.46 -3.17
N SER A 589 -12.34 4.14 -2.34
CA SER A 589 -13.48 3.30 -2.73
C SER A 589 -14.54 3.37 -1.65
N PRO A 590 -15.80 3.06 -2.01
CA PRO A 590 -16.85 2.97 -0.99
C PRO A 590 -16.51 2.01 0.17
N ALA A 591 -15.62 1.04 -0.04
CA ALA A 591 -15.22 0.13 1.03
C ALA A 591 -14.30 0.71 2.10
N VAL A 592 -13.52 1.75 1.77
CA VAL A 592 -12.44 2.26 2.65
C VAL A 592 -12.92 3.46 3.45
N SER A 593 -12.79 3.37 4.78
CA SER A 593 -13.09 4.51 5.66
C SER A 593 -11.88 5.43 5.78
N LEU A 594 -10.69 4.85 5.92
CA LEU A 594 -9.43 5.60 6.00
C LEU A 594 -8.25 4.63 5.93
N GLY A 595 -7.08 5.16 5.60
CA GLY A 595 -5.86 4.40 5.66
C GLY A 595 -4.80 5.17 6.42
N GLY A 596 -3.61 4.59 6.51
CA GLY A 596 -2.55 5.16 7.32
C GLY A 596 -1.26 4.47 7.04
N PHE A 597 -0.18 5.24 7.13
CA PHE A 597 1.18 4.70 7.09
C PHE A 597 2.03 5.70 7.82
N ALA A 598 3.17 5.26 8.36
CA ALA A 598 4.13 6.15 9.02
C ALA A 598 4.99 6.92 8.00
N PRO A 599 5.72 7.97 8.47
CA PRO A 599 6.70 8.59 7.58
C PRO A 599 7.77 7.60 7.13
N VAL A 600 8.39 7.87 5.96
CA VAL A 600 9.56 7.12 5.49
C VAL A 600 10.93 7.60 6.08
N VAL A 601 10.97 8.83 6.58
CA VAL A 601 12.21 9.43 7.14
C VAL A 601 11.93 9.97 8.55
N PRO A 602 12.97 10.10 9.43
CA PRO A 602 12.60 10.57 10.78
C PRO A 602 12.03 11.98 10.88
N ASP A 603 12.37 12.85 9.93
CA ASP A 603 11.83 14.20 9.93
C ASP A 603 10.71 14.36 8.90
N GLY A 604 9.94 13.31 8.65
CA GLY A 604 8.92 13.41 7.62
C GLY A 604 7.52 13.23 8.14
N PHE A 605 6.58 13.36 7.20
CA PHE A 605 5.16 13.05 7.38
C PHE A 605 4.78 11.88 6.48
N GLY A 606 3.78 11.10 6.91
CA GLY A 606 3.19 10.07 6.07
C GLY A 606 1.75 10.50 5.91
N ILE A 607 1.37 10.88 4.69
CA ILE A 607 0.07 11.50 4.42
C ILE A 607 -0.85 10.58 3.60
N ALA A 608 -1.86 10.01 4.24
CA ALA A 608 -2.86 9.20 3.58
C ALA A 608 -4.07 10.10 3.41
N TYR A 609 -4.51 10.26 2.17
CA TYR A 609 -5.59 11.20 1.92
C TYR A 609 -6.54 10.62 0.90
N ALA A 610 -7.75 11.19 0.88
CA ALA A 610 -8.75 10.89 -0.11
C ALA A 610 -9.65 12.13 -0.34
N VAL A 611 -9.83 12.51 -1.59
CA VAL A 611 -10.86 13.49 -1.96
C VAL A 611 -12.15 12.76 -2.29
N HIS A 612 -13.15 12.97 -1.47
CA HIS A 612 -14.45 12.36 -1.71
C HIS A 612 -15.32 13.38 -2.47
N ASP A 613 -16.52 12.97 -2.84
CA ASP A 613 -17.45 13.85 -3.57
C ASP A 613 -17.68 15.17 -2.84
N ASP A 614 -17.74 15.13 -1.51
CA ASP A 614 -18.18 16.29 -0.71
C ASP A 614 -17.21 16.76 0.32
N TRP A 615 -16.16 15.98 0.57
CA TRP A 615 -15.20 16.30 1.63
C TRP A 615 -13.79 15.79 1.31
N ILE A 616 -12.77 16.26 2.03
CA ILE A 616 -11.37 15.83 1.85
C ILE A 616 -10.84 15.32 3.21
N GLY A 617 -10.41 14.06 3.23
CA GLY A 617 -9.88 13.44 4.43
C GLY A 617 -8.39 13.23 4.31
N CYS A 618 -7.65 13.60 5.34
CA CYS A 618 -6.22 13.30 5.46
C CYS A 618 -5.99 12.68 6.81
N ASN A 619 -5.22 11.61 6.83
CA ASN A 619 -4.73 11.02 8.06
C ASN A 619 -3.23 11.17 8.03
N VAL A 620 -2.68 11.96 8.95
CA VAL A 620 -1.24 12.28 8.84
C VAL A 620 -0.46 11.69 10.02
N SER A 621 0.67 11.06 9.73
CA SER A 621 1.60 10.58 10.76
C SER A 621 2.91 11.40 10.84
N SER A 622 3.54 11.40 12.01
CA SER A 622 4.87 12.01 12.18
C SER A 622 5.63 11.42 13.37
N TYR A 623 6.96 11.48 13.33
CA TYR A 623 7.75 11.24 14.55
C TYR A 623 7.99 12.57 15.33
N SER A 624 8.79 12.52 16.39
CA SER A 624 9.20 13.69 17.22
C SER A 624 9.71 14.93 16.46
N GLY A 625 10.55 14.70 15.44
CA GLY A 625 11.11 15.79 14.62
C GLY A 625 10.15 16.58 13.73
N ARG A 626 8.87 16.21 13.74
CA ARG A 626 7.81 16.99 13.08
C ARG A 626 6.54 17.02 13.96
N ASN A 627 5.53 17.77 13.51
CA ASN A 627 4.28 17.95 14.25
C ASN A 627 3.09 17.85 13.33
N ALA A 628 2.43 16.69 13.34
CA ALA A 628 1.26 16.40 12.50
C ALA A 628 0.06 17.29 12.77
N ARG A 629 -0.16 17.58 14.05
CA ARG A 629 -1.24 18.45 14.55
C ARG A 629 -1.17 19.87 13.97
N GLU A 630 0.00 20.49 14.00
CA GLU A 630 0.17 21.80 13.40
C GLU A 630 0.03 21.79 11.87
N PHE A 631 0.59 20.75 11.24
CA PHE A 631 0.52 20.55 9.80
C PHE A 631 -0.90 20.47 9.29
N LEU A 632 -1.75 19.76 10.03
CA LEU A 632 -3.16 19.62 9.68
C LEU A 632 -3.90 20.93 9.85
N HIS A 633 -3.53 21.69 10.88
CA HIS A 633 -4.00 23.06 11.01
C HIS A 633 -3.63 23.92 9.81
N CYS A 634 -2.39 23.80 9.35
CA CYS A 634 -1.96 24.50 8.14
C CYS A 634 -2.64 23.93 6.87
N VAL A 635 -2.82 22.60 6.81
CA VAL A 635 -3.57 22.00 5.71
C VAL A 635 -5.01 22.52 5.73
N GLN A 636 -5.65 22.52 6.91
CA GLN A 636 -7.04 23.00 7.01
C GLN A 636 -7.15 24.44 6.49
N LYS A 637 -6.32 25.32 7.03
CA LYS A 637 -6.27 26.71 6.59
C LYS A 637 -6.05 26.84 5.06
N CYS A 638 -5.14 26.03 4.52
CA CYS A 638 -4.83 26.11 3.10
C CYS A 638 -6.00 25.71 2.21
N LEU A 639 -6.72 24.67 2.58
CA LEU A 639 -7.91 24.27 1.86
C LEU A 639 -9.06 25.32 1.87
N GLU A 640 -9.26 25.98 3.02
CA GLU A 640 -10.17 27.13 3.15
C GLU A 640 -9.80 28.33 2.27
N ASP A 641 -8.51 28.66 2.19
CA ASP A 641 -8.06 29.72 1.28
C ASP A 641 -8.19 29.31 -0.18
N ILE A 642 -7.96 28.03 -0.45
CA ILE A 642 -8.06 27.49 -1.79
C ILE A 642 -9.49 27.57 -2.28
N PHE A 643 -10.43 27.11 -1.46
CA PHE A 643 -11.85 27.12 -1.79
C PHE A 643 -12.47 28.53 -1.87
N ASP A 644 -12.01 29.46 -1.03
CA ASP A 644 -12.42 30.86 -1.09
C ASP A 644 -12.04 31.47 -2.43
N ALA A 645 -10.75 31.36 -2.76
CA ALA A 645 -10.23 31.94 -3.99
C ALA A 645 -11.03 31.39 -5.14
N LEU A 646 -11.34 30.10 -5.08
CA LEU A 646 -12.14 29.47 -6.13
C LEU A 646 -13.60 29.91 -6.12
N GLU A 647 -14.08 30.32 -4.95
CA GLU A 647 -15.47 30.80 -4.77
C GLU A 647 -15.67 32.26 -5.19
N GLY A 648 -14.57 33.02 -5.29
CA GLY A 648 -14.62 34.44 -5.66
C GLY A 648 -14.31 35.42 -4.53
N LYS A 649 -13.97 34.90 -3.35
CA LYS A 649 -13.70 35.75 -2.17
C LYS A 649 -12.21 35.99 -2.00
N ALA A 650 -11.86 37.05 -1.29
CA ALA A 650 -10.45 37.33 -0.94
C ALA A 650 -10.03 36.60 0.34
N ILE A 651 -8.75 36.75 0.70
CA ILE A 651 -8.06 35.93 1.71
C ILE A 651 -7.64 36.79 2.92
#